data_6H97
#
_entry.id   6H97
#
_cell.length_a   69.922
_cell.length_b   69.922
_cell.length_c   95.225
_cell.angle_alpha   90.00
_cell.angle_beta   90.00
_cell.angle_gamma   90.00
#
_symmetry.space_group_name_H-M   'P 43 21 2'
#
loop_
_entity.id
_entity.type
_entity.pdbx_description
1 polymer 'Albicidin resistance protein'
2 water water
#
_entity_poly.entity_id   1
_entity_poly.type   'polypeptide(L)'
_entity_poly.pdbx_seq_one_letter_code
;GSMKMYDRWFSQQELQVLPFAEQDEQRNQTWLELVGEAQQLMDERCPADEPRAIALATRWMEQLEQDTAGRPEFLTRLNE
MHAAEPQMREQTGVTPEMIDFIVRAFAESKLAIWARYLNDEELAFTRQHYFDRLMEWPALVADLHRACREKRDPASPGGQ
QLAQRWLALFQSYAGKDAQTQQKFRYAMEQEPHLMKGTWMTSEVLSWLQQAIGVMMRQAQGLPPNN
;
_entity_poly.pdbx_strand_id   A
#
# COMPACT_ATOMS: atom_id res chain seq x y z
N GLY A 1 -9.70 -17.69 -8.70
CA GLY A 1 -9.95 -17.40 -10.14
C GLY A 1 -9.30 -18.42 -11.07
N SER A 2 -9.88 -18.58 -12.26
CA SER A 2 -9.38 -19.55 -13.21
C SER A 2 -8.02 -19.15 -13.74
N MET A 3 -7.31 -20.12 -14.31
CA MET A 3 -5.98 -19.85 -14.85
C MET A 3 -6.03 -19.12 -16.18
N LYS A 4 -7.10 -19.30 -16.95
CA LYS A 4 -7.23 -18.58 -18.21
C LYS A 4 -7.27 -17.07 -17.99
N MET A 5 -7.70 -16.63 -16.80
CA MET A 5 -7.90 -15.22 -16.52
C MET A 5 -6.60 -14.54 -16.12
N TYR A 6 -5.82 -15.18 -15.24
CA TYR A 6 -4.48 -14.69 -14.97
C TYR A 6 -3.60 -14.75 -16.21
N ASP A 7 -3.91 -15.67 -17.14
CA ASP A 7 -3.05 -15.85 -18.31
C ASP A 7 -3.12 -14.66 -19.27
N ARG A 8 -4.26 -13.99 -19.33
CA ARG A 8 -4.41 -12.83 -20.20
C ARG A 8 -4.07 -11.52 -19.49
N TRP A 9 -3.90 -11.53 -18.17
CA TRP A 9 -3.51 -10.34 -17.42
C TRP A 9 -2.04 -10.37 -16.99
N PHE A 10 -1.33 -11.46 -17.25
CA PHE A 10 0.07 -11.59 -16.87
C PHE A 10 0.82 -12.27 -17.99
N SER A 11 1.99 -11.73 -18.35
CA SER A 11 2.84 -12.39 -19.32
C SER A 11 3.33 -13.73 -18.75
N GLN A 12 3.92 -14.55 -19.63
CA GLN A 12 4.36 -15.87 -19.22
C GLN A 12 5.41 -15.79 -18.12
N GLN A 13 6.45 -14.99 -18.34
CA GLN A 13 7.49 -14.85 -17.32
C GLN A 13 6.91 -14.33 -16.01
N GLU A 14 5.90 -13.46 -16.09
CA GLU A 14 5.26 -12.95 -14.87
C GLU A 14 4.56 -14.08 -14.12
N LEU A 15 3.94 -15.00 -14.85
CA LEU A 15 3.27 -16.13 -14.21
C LEU A 15 4.27 -17.03 -13.49
N GLN A 16 5.52 -17.09 -13.96
CA GLN A 16 6.52 -17.90 -13.29
C GLN A 16 6.81 -17.39 -11.88
N VAL A 17 6.45 -16.15 -11.58
CA VAL A 17 6.77 -15.53 -10.30
C VAL A 17 5.54 -15.16 -9.50
N LEU A 18 4.35 -15.29 -10.05
CA LEU A 18 3.12 -14.88 -9.38
C LEU A 18 2.54 -16.06 -8.60
N PRO A 19 2.48 -15.99 -7.26
CA PRO A 19 1.95 -17.14 -6.52
C PRO A 19 0.51 -17.50 -6.85
N PHE A 20 -0.31 -16.56 -7.32
CA PHE A 20 -1.67 -16.89 -7.71
C PHE A 20 -1.69 -17.92 -8.83
N ALA A 21 -0.66 -17.92 -9.68
CA ALA A 21 -0.58 -18.92 -10.73
C ALA A 21 -0.46 -20.32 -10.15
N GLU A 22 0.26 -20.44 -9.02
CA GLU A 22 0.32 -21.70 -8.31
C GLU A 22 -1.08 -22.14 -7.92
N GLN A 23 -1.37 -23.43 -8.10
CA GLN A 23 -2.64 -24.00 -7.66
C GLN A 23 -2.44 -24.49 -6.23
N ASP A 24 -2.69 -23.61 -5.27
CA ASP A 24 -2.52 -23.91 -3.85
C ASP A 24 -3.89 -23.95 -3.20
N GLU A 25 -4.22 -25.10 -2.61
CA GLU A 25 -5.54 -25.27 -2.01
C GLU A 25 -5.72 -24.41 -0.77
N GLN A 26 -4.63 -24.16 -0.02
CA GLN A 26 -4.76 -23.36 1.18
C GLN A 26 -4.89 -21.88 0.86
N ARG A 27 -4.14 -21.39 -0.12
CA ARG A 27 -4.35 -20.02 -0.59
C ARG A 27 -5.77 -19.87 -1.13
N ASN A 28 -6.20 -20.79 -1.98
CA ASN A 28 -7.56 -20.75 -2.51
C ASN A 28 -8.59 -20.70 -1.38
N GLN A 29 -8.36 -21.50 -0.32
CA GLN A 29 -9.28 -21.52 0.80
C GLN A 29 -9.24 -20.23 1.60
N THR A 30 -8.05 -19.64 1.75
CA THR A 30 -7.95 -18.38 2.48
C THR A 30 -8.74 -17.29 1.76
N TRP A 31 -8.56 -17.19 0.45
CA TRP A 31 -9.23 -16.14 -0.30
C TRP A 31 -10.73 -16.34 -0.32
N LEU A 32 -11.21 -17.58 -0.31
CA LEU A 32 -12.64 -17.80 -0.22
C LEU A 32 -13.21 -17.16 1.04
N GLU A 33 -12.51 -17.34 2.18
CA GLU A 33 -12.94 -16.72 3.42
C GLU A 33 -12.87 -15.20 3.33
N LEU A 34 -11.69 -14.68 2.98
CA LEU A 34 -11.52 -13.23 2.89
C LEU A 34 -12.59 -12.60 2.02
N VAL A 35 -12.85 -13.17 0.84
CA VAL A 35 -13.87 -12.63 -0.04
C VAL A 35 -15.27 -12.86 0.55
N GLY A 36 -15.45 -13.99 1.26
CA GLY A 36 -16.75 -14.24 1.86
C GLY A 36 -17.00 -13.38 3.09
N GLU A 37 -15.95 -13.15 3.89
CA GLU A 37 -16.10 -12.29 5.05
C GLU A 37 -16.35 -10.84 4.64
N ALA A 38 -15.69 -10.40 3.56
CA ALA A 38 -15.95 -9.06 3.03
C ALA A 38 -17.39 -8.95 2.56
N GLN A 39 -17.83 -9.91 1.75
CA GLN A 39 -19.19 -9.86 1.23
C GLN A 39 -20.21 -9.85 2.35
N GLN A 40 -19.93 -10.53 3.47
CA GLN A 40 -20.85 -10.54 4.59
C GLN A 40 -20.86 -9.19 5.30
N LEU A 41 -19.68 -8.62 5.56
CA LEU A 41 -19.60 -7.30 6.17
C LEU A 41 -20.29 -6.27 5.30
N MET A 42 -20.19 -6.41 3.97
CA MET A 42 -20.92 -5.51 3.08
C MET A 42 -22.41 -5.78 3.16
N ASP A 43 -22.83 -7.05 3.14
CA ASP A 43 -24.24 -7.38 3.26
C ASP A 43 -24.83 -6.79 4.53
N GLU A 44 -24.07 -6.80 5.63
CA GLU A 44 -24.49 -6.15 6.86
C GLU A 44 -24.31 -4.65 6.82
N ARG A 45 -23.74 -4.10 5.74
CA ARG A 45 -23.43 -2.68 5.64
C ARG A 45 -22.58 -2.24 6.83
N CYS A 46 -21.50 -2.95 7.03
CA CYS A 46 -20.61 -2.68 8.16
C CYS A 46 -19.77 -1.44 7.87
N PRO A 47 -19.74 -0.46 8.78
CA PRO A 47 -18.88 0.71 8.56
C PRO A 47 -17.42 0.31 8.41
N ALA A 48 -16.68 1.12 7.63
CA ALA A 48 -15.30 0.79 7.34
C ALA A 48 -14.38 0.98 8.55
N ASP A 49 -14.78 1.84 9.49
CA ASP A 49 -13.95 2.15 10.65
C ASP A 49 -14.20 1.21 11.83
N GLU A 50 -14.95 0.15 11.65
CA GLU A 50 -15.18 -0.77 12.75
C GLU A 50 -14.12 -1.85 12.81
N PRO A 51 -13.85 -2.39 14.01
CA PRO A 51 -12.76 -3.36 14.16
C PRO A 51 -12.86 -4.55 13.21
N ARG A 52 -14.06 -5.07 12.99
CA ARG A 52 -14.21 -6.18 12.06
C ARG A 52 -13.73 -5.81 10.66
N ALA A 53 -14.10 -4.63 10.18
CA ALA A 53 -13.63 -4.19 8.88
C ALA A 53 -12.12 -3.96 8.90
N ILE A 54 -11.60 -3.44 10.01
CA ILE A 54 -10.17 -3.19 10.13
C ILE A 54 -9.40 -4.51 10.13
N ALA A 55 -9.88 -5.47 10.91
CA ALA A 55 -9.20 -6.77 10.99
C ALA A 55 -9.21 -7.48 9.64
N LEU A 56 -10.35 -7.45 8.95
CA LEU A 56 -10.43 -8.11 7.65
C LEU A 56 -9.51 -7.44 6.64
N ALA A 57 -9.59 -6.10 6.54
CA ALA A 57 -8.76 -5.39 5.56
C ALA A 57 -7.28 -5.61 5.82
N THR A 58 -6.89 -5.72 7.09
CA THR A 58 -5.51 -6.04 7.42
C THR A 58 -5.14 -7.43 6.92
N ARG A 59 -6.06 -8.38 7.07
CA ARG A 59 -5.83 -9.73 6.57
C ARG A 59 -5.75 -9.75 5.05
N TRP A 60 -6.56 -8.93 4.38
CA TRP A 60 -6.47 -8.82 2.92
C TRP A 60 -5.08 -8.38 2.50
N MET A 61 -4.60 -7.27 3.06
CA MET A 61 -3.31 -6.71 2.64
C MET A 61 -2.18 -7.70 2.86
N GLU A 62 -2.15 -8.37 4.01
CA GLU A 62 -1.11 -9.36 4.26
C GLU A 62 -1.14 -10.45 3.20
N GLN A 63 -2.33 -10.96 2.88
CA GLN A 63 -2.46 -12.00 1.87
C GLN A 63 -2.09 -11.49 0.48
N LEU A 64 -2.42 -10.23 0.18
CA LEU A 64 -2.05 -9.68 -1.11
C LEU A 64 -0.55 -9.46 -1.21
N GLU A 65 0.07 -8.98 -0.12
CA GLU A 65 1.51 -8.76 -0.13
C GLU A 65 2.26 -10.06 -0.36
N GLN A 66 1.72 -11.17 0.15
CA GLN A 66 2.35 -12.47 -0.06
C GLN A 66 2.05 -13.02 -1.46
N ASP A 67 0.80 -12.90 -1.91
CA ASP A 67 0.38 -13.52 -3.15
C ASP A 67 0.72 -12.70 -4.39
N THR A 68 1.12 -11.44 -4.21
CA THR A 68 1.79 -10.68 -5.26
C THR A 68 3.31 -10.80 -5.16
N ALA A 69 3.83 -11.47 -4.13
CA ALA A 69 5.26 -11.67 -3.94
C ALA A 69 5.96 -10.36 -3.62
N GLY A 70 5.28 -9.46 -2.93
CA GLY A 70 5.86 -8.17 -2.61
C GLY A 70 6.26 -7.37 -3.82
N ARG A 71 5.76 -7.74 -5.00
CA ARG A 71 6.04 -7.00 -6.21
C ARG A 71 4.91 -6.00 -6.44
N PRO A 72 5.15 -4.70 -6.29
CA PRO A 72 4.06 -3.73 -6.49
C PRO A 72 3.51 -3.73 -7.91
N GLU A 73 4.31 -4.14 -8.89
CA GLU A 73 3.80 -4.23 -10.26
C GLU A 73 2.61 -5.19 -10.34
N PHE A 74 2.58 -6.21 -9.49
CA PHE A 74 1.52 -7.21 -9.55
C PHE A 74 0.28 -6.76 -8.80
N LEU A 75 0.45 -6.06 -7.67
CA LEU A 75 -0.69 -5.40 -7.04
C LEU A 75 -1.36 -4.46 -8.03
N THR A 76 -0.57 -3.62 -8.70
CA THR A 76 -1.11 -2.73 -9.73
C THR A 76 -1.90 -3.52 -10.77
N ARG A 77 -1.37 -4.65 -11.22
CA ARG A 77 -2.06 -5.45 -12.21
C ARG A 77 -3.36 -6.02 -11.66
N LEU A 78 -3.33 -6.55 -10.44
CA LEU A 78 -4.55 -7.07 -9.83
C LEU A 78 -5.59 -5.97 -9.68
N ASN A 79 -5.16 -4.75 -9.38
CA ASN A 79 -6.10 -3.64 -9.28
C ASN A 79 -6.75 -3.35 -10.63
N GLU A 80 -5.94 -3.33 -11.69
CA GLU A 80 -6.49 -3.19 -13.03
C GLU A 80 -7.41 -4.34 -13.37
N MET A 81 -7.02 -5.57 -13.01
CA MET A 81 -7.83 -6.74 -13.33
C MET A 81 -9.22 -6.62 -12.73
N HIS A 82 -9.30 -6.29 -11.44
CA HIS A 82 -10.59 -6.30 -10.74
C HIS A 82 -11.57 -5.31 -11.35
N ALA A 83 -11.10 -4.15 -11.78
CA ALA A 83 -11.98 -3.08 -12.23
C ALA A 83 -12.31 -3.15 -13.72
N ALA A 84 -11.56 -3.94 -14.50
CA ALA A 84 -11.77 -4.02 -15.94
C ALA A 84 -12.13 -5.40 -16.44
N GLU A 85 -11.74 -6.46 -15.74
CA GLU A 85 -12.00 -7.82 -16.20
C GLU A 85 -13.50 -8.13 -16.16
N PRO A 86 -14.12 -8.47 -17.29
CA PRO A 86 -15.56 -8.78 -17.26
C PRO A 86 -15.95 -9.91 -16.33
N GLN A 87 -15.11 -10.94 -16.21
CA GLN A 87 -15.44 -12.13 -15.43
C GLN A 87 -14.87 -12.08 -14.02
N MET A 88 -14.76 -10.90 -13.42
CA MET A 88 -14.19 -10.80 -12.09
C MET A 88 -15.18 -11.27 -11.03
N ARG A 89 -16.42 -10.78 -11.09
CA ARG A 89 -17.42 -11.17 -10.10
C ARG A 89 -17.69 -12.67 -10.16
N GLU A 90 -17.79 -13.23 -11.37
CA GLU A 90 -18.17 -14.64 -11.49
C GLU A 90 -17.06 -15.55 -10.96
N GLN A 91 -15.81 -15.26 -11.31
CA GLN A 91 -14.70 -16.14 -11.02
C GLN A 91 -14.07 -15.91 -9.65
N THR A 92 -14.45 -14.85 -8.95
CA THR A 92 -13.83 -14.52 -7.67
C THR A 92 -14.79 -13.92 -6.68
N GLY A 93 -15.94 -13.40 -7.10
CA GLY A 93 -16.82 -12.68 -6.23
C GLY A 93 -16.33 -11.32 -5.82
N VAL A 94 -15.13 -10.92 -6.23
CA VAL A 94 -14.60 -9.61 -5.89
C VAL A 94 -15.18 -8.58 -6.85
N THR A 95 -15.70 -7.49 -6.29
CA THR A 95 -16.26 -6.40 -7.06
C THR A 95 -15.57 -5.10 -6.68
N PRO A 96 -15.65 -4.08 -7.53
CA PRO A 96 -15.03 -2.79 -7.19
C PRO A 96 -15.51 -2.24 -5.86
N GLU A 97 -16.80 -2.42 -5.51
CA GLU A 97 -17.29 -1.89 -4.24
C GLU A 97 -16.68 -2.65 -3.06
N MET A 98 -16.40 -3.94 -3.21
CA MET A 98 -15.70 -4.68 -2.16
C MET A 98 -14.27 -4.18 -2.02
N ILE A 99 -13.57 -3.98 -3.14
CA ILE A 99 -12.19 -3.51 -3.06
C ILE A 99 -12.15 -2.10 -2.51
N ASP A 100 -13.16 -1.28 -2.79
CA ASP A 100 -13.21 0.04 -2.19
C ASP A 100 -13.42 -0.06 -0.69
N PHE A 101 -14.24 -1.02 -0.26
CA PHE A 101 -14.49 -1.20 1.17
C PHE A 101 -13.22 -1.64 1.90
N ILE A 102 -12.48 -2.59 1.32
CA ILE A 102 -11.25 -3.05 1.96
C ILE A 102 -10.22 -1.93 2.01
N VAL A 103 -10.16 -1.11 0.97
CA VAL A 103 -9.14 -0.05 0.93
C VAL A 103 -9.50 1.06 1.90
N ARG A 104 -10.79 1.38 2.04
CA ARG A 104 -11.19 2.40 2.99
C ARG A 104 -11.02 1.92 4.43
N ALA A 105 -11.33 0.64 4.68
CA ALA A 105 -11.15 0.10 6.03
C ALA A 105 -9.67 0.06 6.41
N PHE A 106 -8.80 -0.30 5.47
CA PHE A 106 -7.37 -0.28 5.74
C PHE A 106 -6.87 1.13 6.00
N ALA A 107 -7.45 2.12 5.31
CA ALA A 107 -7.12 3.51 5.63
C ALA A 107 -7.59 3.88 7.03
N GLU A 108 -8.82 3.47 7.38
CA GLU A 108 -9.31 3.74 8.73
C GLU A 108 -8.40 3.14 9.79
N SER A 109 -7.82 1.97 9.51
CA SER A 109 -6.93 1.35 10.48
C SER A 109 -5.74 2.24 10.79
N LYS A 110 -5.27 3.00 9.82
CA LYS A 110 -4.13 3.88 10.04
C LYS A 110 -4.56 5.24 10.57
N LEU A 111 -5.62 5.83 10.03
CA LEU A 111 -6.16 7.05 10.63
C LEU A 111 -6.49 6.82 12.10
N ALA A 112 -6.98 5.63 12.44
CA ALA A 112 -7.25 5.30 13.84
C ALA A 112 -5.99 5.45 14.70
N ILE A 113 -4.84 5.04 14.17
CA ILE A 113 -3.59 5.17 14.90
C ILE A 113 -3.08 6.60 14.89
N TRP A 114 -3.17 7.27 13.73
CA TRP A 114 -2.72 8.66 13.67
C TRP A 114 -3.53 9.56 14.59
N ALA A 115 -4.81 9.23 14.82
CA ALA A 115 -5.63 10.05 15.70
C ALA A 115 -4.99 10.20 17.08
N ARG A 116 -4.17 9.22 17.48
CA ARG A 116 -3.50 9.27 18.77
C ARG A 116 -2.23 10.11 18.77
N TYR A 117 -1.75 10.52 17.59
CA TYR A 117 -0.52 11.28 17.47
C TYR A 117 -0.73 12.70 16.96
N LEU A 118 -1.79 12.95 16.22
CA LEU A 118 -2.05 14.26 15.64
C LEU A 118 -3.18 14.95 16.39
N ASN A 119 -3.10 16.27 16.49
CA ASN A 119 -4.23 17.03 16.99
C ASN A 119 -5.38 16.96 15.97
N ASP A 120 -6.56 17.45 16.38
CA ASP A 120 -7.72 17.32 15.52
C ASP A 120 -7.57 18.10 14.22
N GLU A 121 -6.85 19.22 14.26
CA GLU A 121 -6.64 20.00 13.03
C GLU A 121 -5.75 19.24 12.06
N GLU A 122 -4.61 18.72 12.54
CA GLU A 122 -3.76 17.90 11.69
C GLU A 122 -4.50 16.65 11.21
N LEU A 123 -5.30 16.04 12.09
CA LEU A 123 -5.99 14.81 11.71
C LEU A 123 -7.07 15.08 10.67
N ALA A 124 -7.74 16.22 10.78
CA ALA A 124 -8.74 16.59 9.77
C ALA A 124 -8.11 16.74 8.40
N PHE A 125 -6.88 17.26 8.34
CA PHE A 125 -6.20 17.41 7.07
C PHE A 125 -5.89 16.04 6.45
N THR A 126 -5.39 15.11 7.26
CA THR A 126 -5.01 13.81 6.73
C THR A 126 -6.23 13.04 6.22
N ARG A 127 -7.26 12.92 7.06
CA ARG A 127 -8.49 12.26 6.62
C ARG A 127 -9.08 12.95 5.39
N GLN A 128 -8.93 14.27 5.30
CA GLN A 128 -9.43 15.01 4.15
C GLN A 128 -8.71 14.58 2.87
N HIS A 129 -7.38 14.49 2.92
CA HIS A 129 -6.57 14.32 1.72
C HIS A 129 -5.96 12.94 1.58
N TYR A 130 -6.31 12.00 2.45
CA TYR A 130 -5.65 10.69 2.42
C TYR A 130 -5.76 10.05 1.04
N PHE A 131 -6.94 10.11 0.42
CA PHE A 131 -7.19 9.40 -0.82
C PHE A 131 -6.81 10.18 -2.08
N ASP A 132 -6.31 11.41 -1.95
CA ASP A 132 -6.06 12.24 -3.12
C ASP A 132 -5.02 11.61 -4.04
N ARG A 133 -3.93 11.12 -3.47
CA ARG A 133 -2.83 10.53 -4.24
C ARG A 133 -2.59 9.06 -3.93
N LEU A 134 -3.43 8.46 -3.08
CA LEU A 134 -3.19 7.10 -2.59
C LEU A 134 -2.77 6.15 -3.70
N MET A 135 -3.48 6.18 -4.83
CA MET A 135 -3.24 5.21 -5.89
C MET A 135 -1.92 5.44 -6.62
N GLU A 136 -1.19 6.52 -6.32
CA GLU A 136 0.07 6.80 -6.99
C GLU A 136 1.26 6.08 -6.35
N TRP A 137 1.07 5.46 -5.19
CA TRP A 137 2.16 4.86 -4.45
C TRP A 137 2.68 3.59 -5.11
N PRO A 138 1.81 2.72 -5.64
CA PRO A 138 2.32 1.48 -6.25
C PRO A 138 3.36 1.72 -7.33
N ALA A 139 3.15 2.72 -8.21
CA ALA A 139 4.12 3.00 -9.26
C ALA A 139 5.40 3.59 -8.71
N LEU A 140 5.32 4.37 -7.64
CA LEU A 140 6.51 4.90 -7.00
C LEU A 140 7.32 3.79 -6.34
N VAL A 141 6.65 2.94 -5.55
CA VAL A 141 7.34 1.85 -4.88
C VAL A 141 8.00 0.93 -5.89
N ALA A 142 7.33 0.71 -7.03
CA ALA A 142 7.93 -0.14 -8.06
C ALA A 142 9.20 0.49 -8.59
N ASP A 143 9.21 1.81 -8.76
CA ASP A 143 10.42 2.52 -9.15
C ASP A 143 11.47 2.45 -8.04
N LEU A 144 11.04 2.49 -6.78
CA LEU A 144 11.99 2.33 -5.68
C LEU A 144 12.63 0.95 -5.71
N HIS A 145 11.82 -0.09 -5.96
CA HIS A 145 12.38 -1.42 -6.17
C HIS A 145 13.36 -1.41 -7.35
N ARG A 146 12.94 -0.84 -8.48
CA ARG A 146 13.80 -0.81 -9.66
C ARG A 146 15.07 -0.02 -9.40
N ALA A 147 14.96 1.13 -8.73
CA ALA A 147 16.14 1.94 -8.43
C ALA A 147 17.05 1.25 -7.43
N CYS A 148 16.49 0.48 -6.51
CA CYS A 148 17.31 -0.29 -5.58
C CYS A 148 17.87 -1.54 -6.25
N ARG A 149 17.07 -2.20 -7.09
CA ARG A 149 17.56 -3.32 -7.89
C ARG A 149 18.77 -2.93 -8.72
N GLU A 150 18.72 -1.75 -9.36
CA GLU A 150 19.76 -1.30 -10.25
C GLU A 150 20.88 -0.54 -9.54
N LYS A 151 20.93 -0.61 -8.21
CA LYS A 151 22.03 -0.02 -7.44
C LYS A 151 22.20 1.47 -7.75
N ARG A 152 21.08 2.17 -7.96
CA ARG A 152 21.14 3.60 -8.20
C ARG A 152 21.53 4.33 -6.92
N ASP A 153 22.20 5.47 -7.09
CA ASP A 153 22.68 6.23 -5.94
C ASP A 153 21.55 7.09 -5.39
N PRO A 154 21.22 6.99 -4.09
CA PRO A 154 20.16 7.85 -3.55
C PRO A 154 20.46 9.33 -3.68
N ALA A 155 21.73 9.70 -3.83
CA ALA A 155 22.11 11.10 -3.98
C ALA A 155 22.17 11.55 -5.42
N SER A 156 22.06 10.64 -6.39
CA SER A 156 22.07 11.03 -7.78
C SER A 156 20.80 11.80 -8.13
N PRO A 157 20.82 12.59 -9.20
CA PRO A 157 19.58 13.23 -9.67
C PRO A 157 18.44 12.24 -9.82
N GLY A 158 18.69 11.07 -10.41
CA GLY A 158 17.63 10.08 -10.54
C GLY A 158 17.05 9.68 -9.21
N GLY A 159 17.91 9.48 -8.20
CA GLY A 159 17.42 9.08 -6.90
C GLY A 159 16.73 10.20 -6.14
N GLN A 160 17.30 11.41 -6.23
CA GLN A 160 16.65 12.56 -5.62
C GLN A 160 15.32 12.87 -6.28
N GLN A 161 15.15 12.49 -7.56
CA GLN A 161 13.85 12.61 -8.21
C GLN A 161 12.82 11.76 -7.48
N LEU A 162 13.19 10.53 -7.11
CA LEU A 162 12.26 9.63 -6.42
C LEU A 162 11.91 10.16 -5.04
N ALA A 163 12.90 10.66 -4.30
CA ALA A 163 12.61 11.24 -2.99
C ALA A 163 11.72 12.46 -3.11
N GLN A 164 11.77 13.15 -4.25
CA GLN A 164 10.83 14.25 -4.50
C GLN A 164 9.42 13.70 -4.70
N ARG A 165 9.27 12.67 -5.52
CA ARG A 165 7.95 12.07 -5.71
C ARG A 165 7.39 11.59 -4.37
N TRP A 166 8.23 10.98 -3.54
CA TRP A 166 7.76 10.55 -2.23
C TRP A 166 7.28 11.74 -1.41
N LEU A 167 8.11 12.78 -1.29
CA LEU A 167 7.72 13.96 -0.52
C LEU A 167 6.40 14.53 -1.03
N ALA A 168 6.17 14.47 -2.34
CA ALA A 168 4.89 14.93 -2.87
C ALA A 168 3.75 14.09 -2.30
N LEU A 169 3.88 12.77 -2.37
CA LEU A 169 2.81 11.90 -1.87
C LEU A 169 2.67 12.04 -0.35
N PHE A 170 3.80 12.02 0.36
CA PHE A 170 3.77 12.16 1.81
C PHE A 170 3.05 13.45 2.20
N GLN A 171 3.53 14.59 1.69
CA GLN A 171 2.93 15.87 2.05
C GLN A 171 1.47 15.96 1.62
N SER A 172 1.05 15.16 0.64
CA SER A 172 -0.33 15.23 0.18
C SER A 172 -1.32 15.02 1.31
N TYR A 173 -1.00 14.13 2.25
CA TYR A 173 -1.87 13.87 3.38
C TYR A 173 -1.29 14.29 4.73
N ALA A 174 0.04 14.47 4.82
CA ALA A 174 0.65 14.83 6.09
C ALA A 174 0.82 16.34 6.27
N GLY A 175 0.77 17.12 5.20
CA GLY A 175 0.95 18.55 5.28
C GLY A 175 2.36 18.97 4.95
N LYS A 176 2.64 20.25 5.22
CA LYS A 176 3.94 20.84 4.92
C LYS A 176 4.63 21.47 6.12
N ASP A 177 4.07 21.34 7.32
CA ASP A 177 4.68 21.91 8.51
C ASP A 177 5.57 20.86 9.18
N ALA A 178 6.85 21.20 9.35
CA ALA A 178 7.81 20.25 9.92
C ALA A 178 7.35 19.70 11.26
N GLN A 179 6.68 20.53 12.06
CA GLN A 179 6.19 20.07 13.36
C GLN A 179 5.19 18.94 13.18
N THR A 180 4.31 19.03 12.18
CA THR A 180 3.33 17.98 11.94
C THR A 180 3.99 16.77 11.29
N GLN A 181 4.89 17.00 10.33
CA GLN A 181 5.52 15.89 9.62
C GLN A 181 6.29 14.98 10.56
N GLN A 182 6.78 15.51 11.68
CA GLN A 182 7.58 14.71 12.59
C GLN A 182 6.74 13.94 13.60
N LYS A 183 5.53 14.39 13.88
CA LYS A 183 4.58 13.50 14.54
C LYS A 183 4.38 12.25 13.70
N PHE A 184 4.40 12.39 12.37
CA PHE A 184 4.26 11.23 11.50
C PHE A 184 5.46 10.30 11.61
N ARG A 185 6.67 10.86 11.62
CA ARG A 185 7.85 10.02 11.76
C ARG A 185 7.86 9.31 13.11
N TYR A 186 7.45 10.01 14.17
CA TYR A 186 7.35 9.38 15.49
C TYR A 186 6.38 8.22 15.44
N ALA A 187 5.16 8.45 14.97
CA ALA A 187 4.17 7.39 14.87
C ALA A 187 4.75 6.19 14.13
N MET A 188 5.40 6.43 12.99
CA MET A 188 5.94 5.34 12.19
C MET A 188 7.08 4.61 12.90
N GLU A 189 7.80 5.31 13.78
CA GLU A 189 8.83 4.65 14.58
C GLU A 189 8.22 3.81 15.70
N GLN A 190 6.97 4.09 16.08
CA GLN A 190 6.33 3.40 17.19
C GLN A 190 5.21 2.47 16.78
N GLU A 191 4.70 2.58 15.55
CA GLU A 191 3.49 1.89 15.14
C GLU A 191 3.76 0.96 13.97
N PRO A 192 4.07 -0.32 14.22
CA PRO A 192 4.36 -1.22 13.10
C PRO A 192 3.26 -1.24 12.04
N HIS A 193 2.02 -0.96 12.42
CA HIS A 193 0.94 -1.08 11.46
C HIS A 193 0.95 0.02 10.40
N LEU A 194 1.65 1.13 10.64
CA LEU A 194 1.69 2.20 9.66
C LEU A 194 2.52 1.83 8.43
N MET A 195 3.40 0.83 8.54
CA MET A 195 4.22 0.39 7.43
C MET A 195 3.65 -0.81 6.67
N LYS A 196 2.53 -1.37 7.13
CA LYS A 196 1.98 -2.56 6.51
C LYS A 196 1.24 -2.18 5.22
N GLY A 197 1.26 -3.08 4.26
CA GLY A 197 0.59 -2.84 3.01
C GLY A 197 1.24 -1.79 2.15
N THR A 198 2.55 -1.61 2.28
CA THR A 198 3.30 -0.65 1.47
C THR A 198 4.25 -1.31 0.49
N TRP A 199 4.30 -2.64 0.45
CA TRP A 199 5.14 -3.36 -0.51
C TRP A 199 6.59 -2.88 -0.46
N MET A 200 7.03 -2.50 0.73
CA MET A 200 8.41 -2.08 0.98
C MET A 200 9.18 -3.23 1.62
N THR A 201 10.39 -3.47 1.12
CA THR A 201 11.31 -4.38 1.78
C THR A 201 12.30 -3.57 2.62
N SER A 202 12.94 -4.25 3.56
CA SER A 202 13.98 -3.60 4.36
C SER A 202 14.95 -2.84 3.46
N GLU A 203 15.34 -3.44 2.34
CA GLU A 203 16.34 -2.84 1.48
C GLU A 203 15.80 -1.61 0.77
N VAL A 204 14.62 -1.72 0.16
CA VAL A 204 14.03 -0.57 -0.52
C VAL A 204 13.81 0.56 0.46
N LEU A 205 13.36 0.24 1.68
CA LEU A 205 13.17 1.25 2.70
C LEU A 205 14.49 1.91 3.07
N SER A 206 15.54 1.10 3.23
CA SER A 206 16.85 1.66 3.55
C SER A 206 17.34 2.59 2.45
N TRP A 207 17.01 2.28 1.20
CA TRP A 207 17.39 3.13 0.08
C TRP A 207 16.63 4.45 0.13
N LEU A 208 15.31 4.38 0.33
CA LEU A 208 14.50 5.59 0.35
C LEU A 208 14.89 6.50 1.50
N GLN A 209 15.14 5.93 2.68
CA GLN A 209 15.52 6.75 3.82
C GLN A 209 16.84 7.48 3.57
N GLN A 210 17.76 6.85 2.82
CA GLN A 210 18.95 7.57 2.38
C GLN A 210 18.57 8.69 1.44
N ALA A 211 17.76 8.39 0.42
CA ALA A 211 17.39 9.40 -0.56
C ALA A 211 16.68 10.58 0.10
N ILE A 212 15.84 10.31 1.11
CA ILE A 212 15.17 11.39 1.81
C ILE A 212 16.12 12.13 2.74
N GLY A 213 17.12 11.42 3.27
CA GLY A 213 18.10 12.09 4.12
C GLY A 213 18.91 13.12 3.36
N VAL A 214 19.32 12.78 2.14
CA VAL A 214 20.06 13.73 1.30
C VAL A 214 19.18 14.93 0.99
N MET A 215 17.93 14.67 0.59
CA MET A 215 17.04 15.75 0.18
C MET A 215 16.79 16.73 1.32
N MET A 216 16.54 16.21 2.51
CA MET A 216 16.11 17.04 3.64
C MET A 216 17.26 17.46 4.53
N ARG A 217 18.50 17.13 4.17
CA ARG A 217 19.61 17.49 5.04
C ARG A 217 19.74 19.01 5.13
N GLN A 218 19.87 19.50 6.36
CA GLN A 218 20.06 20.92 6.62
C GLN A 218 21.53 21.22 6.77
N ALA A 219 21.93 22.41 6.31
CA ALA A 219 23.33 22.80 6.40
C ALA A 219 23.83 22.79 7.84
N GLN A 220 22.97 23.18 8.78
CA GLN A 220 23.28 23.11 10.20
C GLN A 220 22.17 22.33 10.91
N GLY A 221 22.45 21.90 12.13
CA GLY A 221 21.54 21.06 12.86
C GLY A 221 21.90 19.58 12.73
N LEU A 222 21.35 18.78 13.64
CA LEU A 222 21.65 17.37 13.68
C LEU A 222 21.31 16.71 12.35
N PRO A 223 22.28 16.09 11.67
CA PRO A 223 21.98 15.40 10.40
C PRO A 223 21.30 14.06 10.65
N PRO A 224 20.91 13.35 9.59
CA PRO A 224 20.28 12.04 9.75
C PRO A 224 21.27 10.88 9.76
N ASN A 225 20.92 9.85 10.52
CA ASN A 225 21.61 8.56 10.54
C ASN A 225 21.33 7.86 11.88
#